data_5OXJ
#
_entry.id   5OXJ
#
_cell.length_a   109.347
_cell.length_b   109.347
_cell.length_c   90.636
_cell.angle_alpha   90.00
_cell.angle_beta   90.00
_cell.angle_gamma   120.00
#
_symmetry.space_group_name_H-M   'P 31 2 1'
#
loop_
_entity.id
_entity.type
_entity.pdbx_description
1 polymer 'DNA polymerase I, thermostable'
2 polymer 'DNA primer'
3 polymer 'DNA template'
4 non-polymer 'MANGANESE (II) ION'
5 non-polymer '[(2~{R},3~{S},5~{R})-3-oxidanyl-5-(2-oxidanylidene-3~{H}-benzimidazol-1-yl)oxolan-2-yl]methyl [oxidanyl(phosphonooxy)phosphoryl] hydrogen phosphate'
6 non-polymer 'ACETATE ION'
7 non-polymer 'MAGNESIUM ION'
8 water water
#
loop_
_entity_poly.entity_id
_entity_poly.type
_entity_poly.pdbx_seq_one_letter_code
_entity_poly.pdbx_strand_id
1 'polypeptide(L)'
;ALEEAPWPPPEGAFVGFVLSRKEPMWADLLALAAARGGRVHRAPEPYKALRDLKEARGLLAKDLSVLALREGLGLPPGDD
PMLLAYLLDPSNTTPEGVARRYGGEWTEEAGERAALSERLFANLWGRLEGEERLLWLYREVERPLSAVLAHMEATGVRLD
VAYLRALSLEVAEEIARLEAEVFRLAGHPFNLNSRDQLERVLFDELGLPAIGKTEKTGKRSTSAAVLEALREAHPIVEKI
LQYRELTKLKSTYIDPLPDLIHPRTGRLHTRFNQTATATGRLSSSDPNLQNIPVRTPLGQRIRRAFIAEEGWLLVALDYS
QIELRVLAHLSGDENLIRVFQEGRDIHTETASWMFGVPREAVDPLMRRAAKTINFGVLYGMSAHRLSQELAIPYEEAQAF
IERYFQSFPKVRAWIEKTLEEGRRRGYVETLFGRRRYVPDLEARVKSVREAAERKAFNMPVQGTAADLMKLAMVKLFPRL
EEMGARMLLQVHDELVLEAPKERAEAVARLAKEVMEGVYPLAVPLEVEVGIGEDWLSAKE
;
A
2 'polydeoxyribonucleotide' (DG)(DA)(DC)(DC)(DA)(DC)(DG)(DG)(DC)(DG)(DC)(DDG) B
3 'polydeoxyribonucleotide' (DA)(DA)(DA)(6OG)(DC)(DG)(DC)(DG)(DC)(DC)(DG)(DT)(DG)(DG)(DT)(DC) C
#
loop_
_chem_comp.id
_chem_comp.type
_chem_comp.name
_chem_comp.formula
6OG DNA linking '6-O-METHYL GUANOSINE-5'-MONOPHOSPHATE' 'C11 H16 N5 O7 P'
ACT non-polymer 'ACETATE ION' 'C2 H3 O2 -1'
DA DNA linking 2'-DEOXYADENOSINE-5'-MONOPHOSPHATE 'C10 H14 N5 O6 P'
DC DNA linking 2'-DEOXYCYTIDINE-5'-MONOPHOSPHATE 'C9 H14 N3 O7 P'
DDG DNA linking 2',3'-DIDEOXY-GUANOSINE-5'-MONOPHOSPHATE 'C10 H14 N5 O6 P'
DG DNA linking 2'-DEOXYGUANOSINE-5'-MONOPHOSPHATE 'C10 H14 N5 O7 P'
DT DNA linking THYMIDINE-5'-MONOPHOSPHATE 'C10 H15 N2 O8 P'
MG non-polymer 'MAGNESIUM ION' 'Mg 2'
MN non-polymer 'MANGANESE (II) ION' 'Mn 2'
NZI non-polymer '[(2~{R},3~{S},5~{R})-3-oxidanyl-5-(2-oxidanylidene-3~{H}-benzimidazol-1-yl)oxolan-2-yl]methyl [oxidanyl(phosphonooxy)phosphoryl] hydrogen phosphate' 'C12 H17 N2 O13 P3'
#
# COMPACT_ATOMS: atom_id res chain seq x y z
N ALA A 1 -9.21 -23.12 -30.88
CA ALA A 1 -8.51 -24.32 -31.31
C ALA A 1 -7.10 -24.00 -31.80
N LEU A 2 -6.35 -23.23 -31.00
CA LEU A 2 -5.07 -22.70 -31.46
C LEU A 2 -4.17 -23.79 -32.02
N GLU A 3 -3.31 -23.40 -32.96
CA GLU A 3 -2.37 -24.30 -33.59
C GLU A 3 -0.97 -24.12 -33.02
N GLU A 4 -0.26 -25.24 -32.82
CA GLU A 4 1.15 -25.16 -32.48
C GLU A 4 1.91 -24.53 -33.64
N ALA A 5 2.55 -23.39 -33.38
CA ALA A 5 3.40 -22.78 -34.37
C ALA A 5 4.82 -22.67 -33.81
N PRO A 6 5.84 -22.73 -34.67
CA PRO A 6 7.21 -22.75 -34.18
C PRO A 6 7.56 -21.48 -33.42
N TRP A 7 8.15 -21.65 -32.24
CA TRP A 7 8.80 -20.52 -31.58
C TRP A 7 9.91 -20.01 -32.49
N PRO A 8 10.09 -18.68 -32.62
CA PRO A 8 9.44 -17.60 -31.86
C PRO A 8 8.08 -17.16 -32.40
N PRO A 9 7.36 -16.38 -31.59
CA PRO A 9 6.07 -15.87 -32.03
C PRO A 9 6.24 -14.62 -32.88
N PRO A 10 5.21 -14.21 -33.61
CA PRO A 10 5.29 -12.93 -34.31
C PRO A 10 5.38 -11.79 -33.30
N GLU A 11 5.90 -10.66 -33.77
CA GLU A 11 5.98 -9.48 -32.92
C GLU A 11 4.60 -9.06 -32.45
N GLY A 12 4.50 -8.67 -31.18
CA GLY A 12 3.24 -8.22 -30.61
C GLY A 12 2.34 -9.32 -30.10
N ALA A 13 2.85 -10.52 -29.90
CA ALA A 13 2.01 -11.63 -29.42
C ALA A 13 1.72 -11.49 -27.93
N PHE A 14 0.66 -12.17 -27.50
CA PHE A 14 0.32 -12.30 -26.08
C PHE A 14 1.09 -13.45 -25.45
N VAL A 15 1.63 -13.23 -24.27
CA VAL A 15 2.52 -14.19 -23.62
C VAL A 15 1.78 -14.90 -22.51
N GLY A 16 2.08 -16.19 -22.34
CA GLY A 16 1.74 -16.91 -21.14
C GLY A 16 3.02 -17.44 -20.53
N PHE A 17 3.02 -17.61 -19.21
CA PHE A 17 4.20 -18.15 -18.55
C PHE A 17 3.78 -18.75 -17.21
N VAL A 18 4.62 -19.65 -16.71
CA VAL A 18 4.38 -20.35 -15.46
C VAL A 18 5.62 -20.19 -14.59
N LEU A 19 5.43 -19.80 -13.33
CA LEU A 19 6.50 -19.58 -12.36
C LEU A 19 6.47 -20.64 -11.27
N SER A 20 7.64 -20.93 -10.70
CA SER A 20 7.69 -21.90 -9.62
C SER A 20 7.06 -21.36 -8.35
N ARG A 21 6.87 -20.06 -8.26
CA ARG A 21 6.38 -19.40 -7.06
C ARG A 21 6.03 -17.97 -7.44
N LYS A 22 5.17 -17.35 -6.63
CA LYS A 22 4.58 -16.08 -7.02
C LYS A 22 5.61 -14.98 -7.20
N GLU A 23 6.69 -14.99 -6.40
CA GLU A 23 7.62 -13.85 -6.37
C GLU A 23 8.50 -13.85 -7.63
N PRO A 24 8.26 -12.96 -8.60
CA PRO A 24 9.15 -12.92 -9.78
C PRO A 24 10.64 -12.92 -9.49
N MET A 25 11.12 -12.11 -8.54
CA MET A 25 12.54 -12.08 -8.25
C MET A 25 13.08 -13.43 -7.78
N TRP A 26 12.23 -14.29 -7.20
CA TRP A 26 12.69 -15.57 -6.67
C TRP A 26 12.28 -16.77 -7.52
N ALA A 27 11.47 -16.59 -8.56
CA ALA A 27 10.89 -17.73 -9.25
C ALA A 27 11.81 -18.33 -10.30
N ASP A 28 11.64 -19.63 -10.51
CA ASP A 28 12.14 -20.33 -11.68
C ASP A 28 11.08 -20.20 -12.77
N LEU A 29 11.54 -19.90 -13.98
CA LEU A 29 10.67 -19.77 -15.14
C LEU A 29 10.43 -21.16 -15.73
N LEU A 30 9.30 -21.78 -15.34
CA LEU A 30 9.04 -23.16 -15.77
C LEU A 30 8.67 -23.22 -17.25
N ALA A 31 7.81 -22.34 -17.73
CA ALA A 31 7.38 -22.39 -19.11
C ALA A 31 7.03 -20.98 -19.61
N LEU A 32 6.97 -20.88 -20.94
CA LEU A 32 6.82 -19.60 -21.64
C LEU A 32 6.14 -19.89 -22.96
N ALA A 33 4.99 -19.24 -23.20
CA ALA A 33 4.23 -19.44 -24.42
C ALA A 33 3.77 -18.08 -24.93
N ALA A 34 3.25 -18.07 -26.15
CA ALA A 34 2.76 -16.86 -26.77
C ALA A 34 1.64 -17.20 -27.74
N ALA A 35 0.75 -16.25 -27.99
CA ALA A 35 -0.43 -16.47 -28.80
C ALA A 35 -0.68 -15.26 -29.67
N ARG A 36 -1.06 -15.51 -30.92
CA ARG A 36 -1.27 -14.45 -31.89
C ARG A 36 -1.83 -15.06 -33.17
N GLY A 37 -2.81 -14.37 -33.75
CA GLY A 37 -3.33 -14.76 -35.04
C GLY A 37 -3.81 -16.20 -35.12
N GLY A 38 -4.56 -16.64 -34.11
CA GLY A 38 -5.06 -17.99 -34.11
C GLY A 38 -3.99 -19.06 -34.05
N ARG A 39 -2.91 -18.81 -33.30
CA ARG A 39 -1.91 -19.83 -33.09
C ARG A 39 -1.28 -19.63 -31.72
N VAL A 40 -0.59 -20.68 -31.26
CA VAL A 40 0.10 -20.70 -29.98
C VAL A 40 1.54 -21.16 -30.21
N HIS A 41 2.49 -20.50 -29.56
CA HIS A 41 3.90 -20.82 -29.65
C HIS A 41 4.41 -21.20 -28.27
N ARG A 42 4.93 -22.42 -28.14
CA ARG A 42 5.43 -22.96 -26.89
C ARG A 42 6.96 -23.07 -26.99
N ALA A 43 7.65 -22.31 -26.16
CA ALA A 43 9.09 -22.19 -26.29
C ALA A 43 9.78 -23.47 -25.81
N PRO A 44 10.85 -23.92 -26.49
CA PRO A 44 11.53 -25.15 -26.04
C PRO A 44 12.24 -24.96 -24.72
N GLU A 45 12.97 -23.86 -24.56
CA GLU A 45 13.68 -23.56 -23.32
C GLU A 45 13.23 -22.18 -22.86
N PRO A 46 12.51 -22.08 -21.74
CA PRO A 46 11.91 -20.78 -21.36
C PRO A 46 12.92 -19.66 -21.22
N TYR A 47 14.05 -19.90 -20.55
CA TYR A 47 14.97 -18.79 -20.31
C TYR A 47 15.51 -18.26 -21.62
N LYS A 48 15.94 -19.16 -22.52
CA LYS A 48 16.43 -18.74 -23.82
C LYS A 48 15.35 -18.02 -24.61
N ALA A 49 14.10 -18.50 -24.53
CA ALA A 49 13.02 -17.92 -25.32
C ALA A 49 12.67 -16.50 -24.88
N LEU A 50 12.93 -16.14 -23.62
CA LEU A 50 12.74 -14.77 -23.18
C LEU A 50 13.40 -13.76 -24.14
N ARG A 51 14.65 -14.03 -24.53
CA ARG A 51 15.39 -13.11 -25.38
C ARG A 51 14.64 -12.74 -26.66
N ASP A 52 13.72 -13.58 -27.13
CA ASP A 52 13.05 -13.32 -28.40
C ASP A 52 11.94 -12.29 -28.28
N LEU A 53 11.39 -12.09 -27.09
CA LEU A 53 10.29 -11.15 -26.93
C LEU A 53 10.82 -9.73 -26.80
N LYS A 54 10.06 -8.78 -27.34
CA LYS A 54 10.44 -7.39 -27.22
C LYS A 54 9.59 -6.63 -26.20
N GLU A 55 8.44 -7.18 -25.80
CA GLU A 55 7.68 -6.62 -24.71
C GLU A 55 6.79 -7.71 -24.13
N ALA A 56 6.52 -7.62 -22.83
CA ALA A 56 5.63 -8.56 -22.15
C ALA A 56 4.22 -7.98 -22.15
N ARG A 57 3.33 -8.54 -22.98
CA ARG A 57 1.94 -8.12 -23.01
C ARG A 57 1.06 -9.33 -22.73
N GLY A 58 0.27 -9.24 -21.68
CA GLY A 58 -0.53 -10.38 -21.24
C GLY A 58 -0.79 -10.30 -19.75
N LEU A 59 -1.50 -11.32 -19.28
CA LEU A 59 -1.83 -11.41 -17.85
C LEU A 59 -0.57 -11.38 -17.01
N LEU A 60 -0.54 -10.52 -15.98
CA LEU A 60 0.60 -10.42 -15.07
C LEU A 60 1.89 -10.06 -15.80
N ALA A 61 1.77 -9.21 -16.84
CA ALA A 61 2.94 -8.76 -17.59
C ALA A 61 4.08 -8.30 -16.69
N LYS A 62 3.79 -7.45 -15.69
CA LYS A 62 4.88 -6.88 -14.90
C LYS A 62 5.73 -7.97 -14.26
N ASP A 63 5.10 -9.00 -13.71
CA ASP A 63 5.85 -10.06 -13.06
C ASP A 63 6.90 -10.65 -13.98
N LEU A 64 6.51 -11.02 -15.20
CA LEU A 64 7.49 -11.60 -16.11
C LEU A 64 8.55 -10.57 -16.51
N SER A 65 8.15 -9.31 -16.71
CA SER A 65 9.15 -8.27 -16.94
C SER A 65 10.11 -8.17 -15.76
N VAL A 66 9.59 -8.29 -14.53
CA VAL A 66 10.48 -8.29 -13.38
C VAL A 66 11.47 -9.43 -13.48
N LEU A 67 10.99 -10.62 -13.84
CA LEU A 67 11.90 -11.74 -13.95
C LEU A 67 12.89 -11.52 -15.08
N ALA A 68 12.47 -10.85 -16.15
CA ALA A 68 13.40 -10.55 -17.23
C ALA A 68 14.47 -9.57 -16.74
N LEU A 69 14.07 -8.51 -16.05
CA LEU A 69 15.06 -7.57 -15.55
C LEU A 69 16.09 -8.28 -14.67
N ARG A 70 15.63 -9.26 -13.89
CA ARG A 70 16.55 -9.99 -13.02
C ARG A 70 17.60 -10.76 -13.82
N GLU A 71 17.29 -11.11 -15.06
CA GLU A 71 18.18 -11.87 -15.92
C GLU A 71 19.03 -10.98 -16.80
N GLY A 72 19.01 -9.67 -16.57
CA GLY A 72 19.74 -8.75 -17.42
C GLY A 72 19.06 -8.40 -18.72
N LEU A 73 17.76 -8.63 -18.86
CA LEU A 73 17.04 -8.30 -20.08
C LEU A 73 16.10 -7.13 -19.85
N GLY A 74 15.95 -6.30 -20.88
CA GLY A 74 15.03 -5.19 -20.85
C GLY A 74 13.81 -5.53 -21.67
N LEU A 75 12.85 -6.19 -21.02
CA LEU A 75 11.61 -6.62 -21.64
C LEU A 75 10.51 -5.91 -20.85
N PRO A 76 10.11 -4.72 -21.26
CA PRO A 76 9.12 -3.94 -20.49
C PRO A 76 7.72 -4.52 -20.62
N PRO A 77 6.88 -4.37 -19.60
CA PRO A 77 5.50 -4.83 -19.71
C PRO A 77 4.67 -3.87 -20.56
N GLY A 78 3.80 -4.45 -21.39
CA GLY A 78 2.84 -3.71 -22.20
C GLY A 78 1.41 -3.89 -21.73
N ASP A 79 0.47 -4.20 -22.63
CA ASP A 79 -0.92 -4.36 -22.20
C ASP A 79 -1.04 -5.51 -21.21
N ASP A 80 -1.95 -5.36 -20.24
CA ASP A 80 -2.25 -6.47 -19.35
C ASP A 80 -3.74 -6.43 -19.05
N PRO A 81 -4.49 -7.43 -19.48
CA PRO A 81 -5.94 -7.42 -19.22
C PRO A 81 -6.30 -7.24 -17.74
N MET A 82 -5.41 -7.61 -16.81
CA MET A 82 -5.68 -7.35 -15.39
C MET A 82 -5.86 -5.85 -15.13
N LEU A 83 -5.04 -5.02 -15.78
CA LEU A 83 -5.18 -3.57 -15.63
C LEU A 83 -6.50 -3.09 -16.21
N LEU A 84 -6.91 -3.64 -17.36
CA LEU A 84 -8.23 -3.29 -17.89
C LEU A 84 -9.33 -3.69 -16.92
N ALA A 85 -9.33 -4.96 -16.49
CA ALA A 85 -10.37 -5.43 -15.59
C ALA A 85 -10.38 -4.63 -14.30
N TYR A 86 -9.20 -4.33 -13.76
CA TYR A 86 -9.07 -3.58 -12.51
C TYR A 86 -9.72 -2.21 -12.62
N LEU A 87 -9.51 -1.50 -13.74
CA LEU A 87 -10.13 -0.20 -13.95
C LEU A 87 -11.65 -0.31 -14.12
N LEU A 88 -12.11 -1.27 -14.91
CA LEU A 88 -13.54 -1.54 -14.99
C LEU A 88 -14.15 -1.75 -13.61
N ASP A 89 -13.48 -2.52 -12.75
CA ASP A 89 -14.01 -2.89 -11.42
C ASP A 89 -12.87 -3.31 -10.49
N PRO A 90 -12.51 -2.50 -9.50
CA PRO A 90 -11.30 -2.82 -8.71
C PRO A 90 -11.44 -4.06 -7.89
N SER A 91 -12.63 -4.66 -7.83
CA SER A 91 -12.70 -5.98 -7.23
C SER A 91 -12.10 -7.03 -8.13
N ASN A 92 -11.78 -6.66 -9.38
CA ASN A 92 -11.10 -7.59 -10.29
C ASN A 92 -9.63 -7.61 -9.88
N THR A 93 -9.26 -8.51 -8.96
CA THR A 93 -7.91 -8.51 -8.41
C THR A 93 -7.04 -9.71 -8.79
N THR A 94 -7.61 -10.79 -9.30
CA THR A 94 -6.78 -11.96 -9.59
C THR A 94 -7.12 -12.53 -10.96
N PRO A 95 -6.17 -13.18 -11.61
CA PRO A 95 -6.50 -13.83 -12.89
C PRO A 95 -7.59 -14.88 -12.76
N GLU A 96 -7.64 -15.63 -11.65
CA GLU A 96 -8.72 -16.59 -11.44
C GLU A 96 -10.08 -15.94 -11.66
N GLY A 97 -10.33 -14.83 -10.96
CA GLY A 97 -11.62 -14.18 -11.08
C GLY A 97 -11.82 -13.54 -12.44
N VAL A 98 -10.79 -12.86 -12.96
CA VAL A 98 -10.93 -12.15 -14.23
C VAL A 98 -11.29 -13.13 -15.34
N ALA A 99 -10.57 -14.25 -15.41
CA ALA A 99 -10.90 -15.29 -16.39
C ALA A 99 -12.33 -15.78 -16.22
N ARG A 100 -12.71 -16.18 -15.00
CA ARG A 100 -14.08 -16.64 -14.76
C ARG A 100 -15.08 -15.61 -15.27
N ARG A 101 -14.76 -14.33 -15.12
CA ARG A 101 -15.72 -13.27 -15.37
C ARG A 101 -15.78 -12.84 -16.83
N TYR A 102 -14.68 -12.94 -17.57
CA TYR A 102 -14.67 -12.37 -18.91
C TYR A 102 -14.33 -13.38 -19.99
N GLY A 103 -14.33 -14.68 -19.67
CA GLY A 103 -14.40 -15.68 -20.73
C GLY A 103 -13.25 -16.66 -20.91
N GLY A 104 -12.83 -17.29 -19.83
CA GLY A 104 -11.85 -18.36 -19.93
C GLY A 104 -11.58 -18.98 -18.58
N GLU A 105 -10.48 -19.73 -18.50
CA GLU A 105 -10.05 -20.31 -17.24
C GLU A 105 -8.54 -20.13 -17.08
N TRP A 106 -8.15 -19.81 -15.85
CA TRP A 106 -6.74 -19.68 -15.47
C TRP A 106 -6.23 -21.05 -15.06
N THR A 107 -5.51 -21.68 -15.97
CA THR A 107 -4.92 -23.00 -15.78
C THR A 107 -3.46 -22.83 -15.33
N GLU A 108 -2.68 -23.90 -15.45
CA GLU A 108 -1.28 -23.90 -15.04
C GLU A 108 -0.30 -24.07 -16.20
N GLU A 109 -0.77 -23.94 -17.44
CA GLU A 109 0.06 -24.15 -18.63
C GLU A 109 0.20 -22.84 -19.38
N ALA A 110 1.45 -22.52 -19.77
CA ALA A 110 1.74 -21.22 -20.38
C ALA A 110 0.92 -20.99 -21.64
N GLY A 111 0.78 -22.01 -22.48
CA GLY A 111 0.03 -21.88 -23.71
C GLY A 111 -1.41 -21.45 -23.48
N GLU A 112 -2.14 -22.20 -22.66
CA GLU A 112 -3.51 -21.82 -22.35
C GLU A 112 -3.56 -20.44 -21.71
N ARG A 113 -2.53 -20.09 -20.93
CA ARG A 113 -2.42 -18.73 -20.38
C ARG A 113 -2.19 -17.70 -21.48
N ALA A 114 -1.22 -17.93 -22.37
CA ALA A 114 -1.06 -17.03 -23.51
C ALA A 114 -2.36 -16.90 -24.29
N ALA A 115 -3.03 -18.03 -24.53
CA ALA A 115 -4.31 -17.98 -25.24
C ALA A 115 -5.32 -17.15 -24.44
N LEU A 116 -5.45 -17.45 -23.14
CA LEU A 116 -6.37 -16.71 -22.29
C LEU A 116 -6.09 -15.21 -22.34
N SER A 117 -4.82 -14.84 -22.16
CA SER A 117 -4.44 -13.44 -22.30
C SER A 117 -5.05 -12.82 -23.54
N GLU A 118 -4.92 -13.48 -24.69
CA GLU A 118 -5.30 -12.85 -25.95
C GLU A 118 -6.80 -12.58 -26.01
N ARG A 119 -7.62 -13.58 -25.71
CA ARG A 119 -9.06 -13.39 -25.78
C ARG A 119 -9.56 -12.50 -24.65
N LEU A 120 -9.03 -12.67 -23.44
CA LEU A 120 -9.40 -11.76 -22.35
C LEU A 120 -9.11 -10.31 -22.76
N PHE A 121 -7.99 -10.07 -23.45
CA PHE A 121 -7.70 -8.70 -23.84
C PHE A 121 -8.72 -8.15 -24.83
N ALA A 122 -9.01 -8.91 -25.89
CA ALA A 122 -10.06 -8.52 -26.84
C ALA A 122 -11.35 -8.15 -26.12
N ASN A 123 -11.84 -9.06 -25.27
CA ASN A 123 -13.13 -8.83 -24.62
C ASN A 123 -13.09 -7.60 -23.73
N LEU A 124 -12.08 -7.50 -22.87
CA LEU A 124 -12.02 -6.37 -21.94
C LEU A 124 -11.85 -5.05 -22.69
N TRP A 125 -10.92 -4.99 -23.63
CA TRP A 125 -10.80 -3.81 -24.47
C TRP A 125 -12.16 -3.44 -25.08
N GLY A 126 -12.96 -4.45 -25.44
CA GLY A 126 -14.32 -4.17 -25.86
C GLY A 126 -15.13 -3.48 -24.80
N ARG A 127 -15.14 -4.07 -23.59
CA ARG A 127 -15.89 -3.47 -22.48
C ARG A 127 -15.41 -2.06 -22.17
N LEU A 128 -14.17 -1.73 -22.50
CA LEU A 128 -13.66 -0.40 -22.18
C LEU A 128 -13.85 0.59 -23.30
N GLU A 129 -14.25 0.15 -24.48
CA GLU A 129 -14.61 1.08 -25.54
C GLU A 129 -15.67 2.04 -25.03
N GLY A 130 -15.38 3.34 -25.13
CA GLY A 130 -16.30 4.37 -24.74
C GLY A 130 -16.07 4.93 -23.35
N GLU A 131 -15.47 4.13 -22.47
CA GLU A 131 -15.12 4.61 -21.13
C GLU A 131 -13.82 5.41 -21.27
N GLU A 132 -13.95 6.60 -21.85
CA GLU A 132 -12.76 7.34 -22.22
C GLU A 132 -11.94 7.76 -21.01
N ARG A 133 -12.60 8.00 -19.87
CA ARG A 133 -11.84 8.31 -18.67
C ARG A 133 -10.97 7.13 -18.25
N LEU A 134 -11.56 5.94 -18.21
CA LEU A 134 -10.80 4.76 -17.82
C LEU A 134 -9.72 4.44 -18.85
N LEU A 135 -10.02 4.60 -20.14
CA LEU A 135 -8.97 4.47 -21.15
C LEU A 135 -7.82 5.43 -20.88
N TRP A 136 -8.14 6.67 -20.53
CA TRP A 136 -7.09 7.62 -20.16
C TRP A 136 -6.28 7.10 -18.96
N LEU A 137 -6.96 6.65 -17.91
CA LEU A 137 -6.23 6.10 -16.77
C LEU A 137 -5.36 4.93 -17.19
N TYR A 138 -5.82 4.12 -18.15
CA TYR A 138 -5.06 2.94 -18.55
C TYR A 138 -3.81 3.34 -19.30
N ARG A 139 -3.96 4.21 -20.31
CA ARG A 139 -2.87 4.61 -21.19
C ARG A 139 -1.90 5.56 -20.51
N GLU A 140 -2.43 6.53 -19.77
CA GLU A 140 -1.60 7.55 -19.16
C GLU A 140 -1.11 7.19 -17.77
N VAL A 141 -1.75 6.25 -17.07
CA VAL A 141 -1.32 5.93 -15.72
C VAL A 141 -0.94 4.47 -15.57
N GLU A 142 -1.91 3.55 -15.69
CA GLU A 142 -1.64 2.18 -15.23
C GLU A 142 -0.61 1.48 -16.12
N ARG A 143 -0.85 1.46 -17.44
CA ARG A 143 0.07 0.74 -18.30
C ARG A 143 1.48 1.30 -18.24
N PRO A 144 1.71 2.60 -18.34
CA PRO A 144 3.07 3.10 -18.08
C PRO A 144 3.55 2.79 -16.68
N LEU A 145 2.68 2.89 -15.66
CA LEU A 145 3.15 2.61 -14.30
C LEU A 145 3.70 1.20 -14.18
N SER A 146 3.09 0.22 -14.87
CA SER A 146 3.57 -1.15 -14.70
C SER A 146 5.08 -1.23 -14.96
N ALA A 147 5.58 -0.55 -16.01
CA ALA A 147 7.02 -0.56 -16.27
C ALA A 147 7.79 -0.03 -15.08
N VAL A 148 7.37 1.12 -14.57
CA VAL A 148 8.06 1.75 -13.46
C VAL A 148 8.13 0.78 -12.28
N LEU A 149 7.01 0.12 -11.96
CA LEU A 149 7.03 -0.81 -10.83
C LEU A 149 7.98 -1.97 -11.10
N ALA A 150 7.96 -2.52 -12.32
CA ALA A 150 8.86 -3.60 -12.65
C ALA A 150 10.30 -3.20 -12.38
N HIS A 151 10.63 -1.93 -12.60
CA HIS A 151 12.00 -1.50 -12.33
C HIS A 151 12.25 -1.36 -10.85
N MET A 152 11.32 -0.76 -10.10
CA MET A 152 11.48 -0.73 -8.65
C MET A 152 11.65 -2.13 -8.10
N GLU A 153 10.79 -3.06 -8.51
CA GLU A 153 10.87 -4.41 -7.95
C GLU A 153 12.23 -5.04 -8.26
N ALA A 154 12.69 -4.91 -9.51
CA ALA A 154 13.96 -5.53 -9.87
C ALA A 154 15.13 -4.89 -9.15
N THR A 155 15.04 -3.59 -8.85
CA THR A 155 16.15 -2.86 -8.22
C THR A 155 16.34 -3.25 -6.75
N GLY A 156 15.26 -3.28 -5.96
CA GLY A 156 15.37 -3.60 -4.56
C GLY A 156 16.00 -2.46 -3.77
N VAL A 157 16.21 -2.73 -2.49
CA VAL A 157 16.78 -1.74 -1.58
C VAL A 157 17.77 -2.44 -0.66
N ARG A 158 18.77 -1.68 -0.19
CA ARG A 158 19.86 -2.25 0.59
C ARG A 158 19.51 -2.27 2.07
N LEU A 159 19.88 -3.34 2.75
CA LEU A 159 19.55 -3.52 4.16
C LEU A 159 20.82 -3.81 4.95
N ASP A 160 20.94 -3.18 6.13
CA ASP A 160 22.07 -3.46 7.03
C ASP A 160 21.77 -4.73 7.81
N VAL A 161 22.08 -5.86 7.18
CA VAL A 161 21.77 -7.17 7.74
C VAL A 161 22.47 -7.37 9.08
N ALA A 162 23.79 -7.14 9.11
CA ALA A 162 24.54 -7.39 10.33
C ALA A 162 23.93 -6.62 11.49
N TYR A 163 23.41 -5.42 11.21
CA TYR A 163 22.78 -4.59 12.23
C TYR A 163 21.54 -5.29 12.80
N LEU A 164 20.66 -5.77 11.93
CA LEU A 164 19.44 -6.40 12.41
C LEU A 164 19.75 -7.70 13.15
N ARG A 165 20.72 -8.47 12.66
CA ARG A 165 21.08 -9.70 13.39
C ARG A 165 21.41 -9.36 14.83
N ALA A 166 22.24 -8.35 15.02
CA ALA A 166 22.58 -7.89 16.37
C ALA A 166 21.34 -7.42 17.10
N LEU A 167 20.48 -6.69 16.41
CA LEU A 167 19.26 -6.19 17.04
C LEU A 167 18.40 -7.35 17.55
N SER A 168 18.29 -8.41 16.75
CA SER A 168 17.51 -9.58 17.15
C SER A 168 17.97 -10.13 18.51
N LEU A 169 19.28 -10.29 18.69
CA LEU A 169 19.79 -10.87 19.93
C LEU A 169 19.49 -9.96 21.09
N GLU A 170 19.59 -8.65 20.89
CA GLU A 170 19.24 -7.70 21.95
C GLU A 170 17.77 -7.81 22.29
N VAL A 171 16.91 -7.67 21.28
CA VAL A 171 15.47 -7.68 21.53
C VAL A 171 15.06 -8.99 22.19
N ALA A 172 15.68 -10.10 21.78
CA ALA A 172 15.32 -11.37 22.40
C ALA A 172 15.55 -11.32 23.90
N GLU A 173 16.64 -10.67 24.32
CA GLU A 173 16.90 -10.57 25.75
C GLU A 173 15.84 -9.72 26.42
N GLU A 174 15.42 -8.63 25.79
CA GLU A 174 14.35 -7.83 26.37
C GLU A 174 13.05 -8.64 26.50
N ILE A 175 12.70 -9.40 25.46
CA ILE A 175 11.44 -10.15 25.48
C ILE A 175 11.46 -11.16 26.64
N ALA A 176 12.57 -11.86 26.82
CA ALA A 176 12.64 -12.86 27.88
C ALA A 176 12.41 -12.22 29.25
N ARG A 177 12.95 -11.01 29.45
CA ARG A 177 12.75 -10.31 30.70
C ARG A 177 11.27 -10.02 30.95
N LEU A 178 10.55 -9.58 29.90
CA LEU A 178 9.13 -9.27 30.05
C LEU A 178 8.29 -10.52 30.19
N GLU A 179 8.59 -11.56 29.39
CA GLU A 179 7.95 -12.85 29.55
C GLU A 179 8.02 -13.31 31.00
N ALA A 180 9.21 -13.23 31.59
CA ALA A 180 9.41 -13.66 32.96
C ALA A 180 8.54 -12.87 33.91
N GLU A 181 8.49 -11.54 33.76
CA GLU A 181 7.59 -10.76 34.59
C GLU A 181 6.15 -11.25 34.44
N VAL A 182 5.68 -11.32 33.19
CA VAL A 182 4.28 -11.70 32.98
C VAL A 182 4.00 -13.05 33.63
N PHE A 183 4.88 -14.04 33.41
CA PHE A 183 4.66 -15.37 33.97
C PHE A 183 4.61 -15.32 35.49
N ARG A 184 5.52 -14.57 36.10
CA ARG A 184 5.47 -14.44 37.56
C ARG A 184 4.14 -13.84 37.98
N LEU A 185 3.83 -12.66 37.45
CA LEU A 185 2.58 -12.00 37.83
C LEU A 185 1.38 -12.91 37.62
N ALA A 186 1.40 -13.73 36.57
CA ALA A 186 0.29 -14.64 36.36
C ALA A 186 0.35 -15.87 37.27
N GLY A 187 1.42 -16.03 38.04
CA GLY A 187 1.58 -17.18 38.89
C GLY A 187 1.82 -18.50 38.18
N HIS A 188 1.86 -18.51 36.85
CA HIS A 188 2.20 -19.72 36.13
C HIS A 188 2.63 -19.35 34.71
N PRO A 189 3.41 -20.19 34.06
CA PRO A 189 3.71 -19.98 32.64
C PRO A 189 2.52 -20.34 31.78
N PHE A 190 2.52 -19.78 30.58
CA PHE A 190 1.53 -20.08 29.54
C PHE A 190 2.04 -19.40 28.27
N ASN A 191 1.38 -19.65 27.15
CA ASN A 191 1.85 -19.10 25.88
C ASN A 191 1.31 -17.68 25.73
N LEU A 192 2.14 -16.70 26.08
CA LEU A 192 1.77 -15.30 25.96
C LEU A 192 1.41 -14.91 24.52
N ASN A 193 1.83 -15.70 23.52
CA ASN A 193 1.44 -15.41 22.14
C ASN A 193 0.06 -15.93 21.78
N SER A 194 -0.53 -16.78 22.64
CA SER A 194 -1.88 -17.29 22.40
C SER A 194 -2.87 -16.29 22.95
N ARG A 195 -3.61 -15.61 22.08
CA ARG A 195 -4.56 -14.66 22.65
C ARG A 195 -5.61 -15.40 23.47
N ASP A 196 -5.91 -16.65 23.15
CA ASP A 196 -6.91 -17.38 23.91
C ASP A 196 -6.45 -17.61 25.35
N GLN A 197 -5.23 -18.12 25.51
CA GLN A 197 -4.71 -18.35 26.86
C GLN A 197 -4.60 -17.03 27.62
N LEU A 198 -4.19 -15.97 26.95
CA LEU A 198 -4.10 -14.69 27.65
C LEU A 198 -5.46 -14.26 28.20
N GLU A 199 -6.52 -14.45 27.41
CA GLU A 199 -7.84 -13.97 27.80
C GLU A 199 -8.30 -14.61 29.10
N ARG A 200 -8.17 -15.93 29.21
CA ARG A 200 -8.54 -16.56 30.46
C ARG A 200 -7.71 -16.02 31.61
N VAL A 201 -6.43 -15.71 31.36
CA VAL A 201 -5.62 -15.22 32.47
C VAL A 201 -6.10 -13.85 32.92
N LEU A 202 -6.35 -12.94 31.98
CA LEU A 202 -6.68 -11.56 32.32
C LEU A 202 -8.07 -11.45 32.94
N PHE A 203 -9.04 -12.21 32.42
CA PHE A 203 -10.44 -11.99 32.73
C PHE A 203 -11.05 -13.07 33.62
N ASP A 204 -10.47 -14.26 33.65
CA ASP A 204 -10.91 -15.34 34.53
C ASP A 204 -10.04 -15.44 35.76
N GLU A 205 -8.73 -15.65 35.59
CA GLU A 205 -7.87 -15.81 36.75
C GLU A 205 -7.66 -14.49 37.48
N LEU A 206 -7.19 -13.47 36.77
CA LEU A 206 -7.01 -12.15 37.37
C LEU A 206 -8.32 -11.38 37.55
N GLY A 207 -9.41 -11.84 36.96
CA GLY A 207 -10.67 -11.17 37.19
C GLY A 207 -10.76 -9.72 36.73
N LEU A 208 -9.95 -9.34 35.75
CA LEU A 208 -10.03 -7.99 35.19
C LEU A 208 -11.35 -7.78 34.43
N PRO A 209 -11.80 -6.54 34.32
CA PRO A 209 -13.02 -6.28 33.53
C PRO A 209 -12.76 -6.51 32.05
N ALA A 210 -13.73 -7.14 31.39
CA ALA A 210 -13.65 -7.44 29.96
C ALA A 210 -14.28 -6.29 29.20
N ILE A 211 -13.45 -5.41 28.64
CA ILE A 211 -13.97 -4.26 27.91
C ILE A 211 -14.86 -4.72 26.77
N GLY A 212 -14.28 -5.44 25.79
CA GLY A 212 -14.96 -5.72 24.55
C GLY A 212 -14.70 -7.13 24.05
N LYS A 213 -15.43 -7.49 23.00
CA LYS A 213 -15.43 -8.81 22.41
C LYS A 213 -14.90 -8.76 20.97
N THR A 214 -14.54 -9.93 20.44
CA THR A 214 -13.96 -9.98 19.10
C THR A 214 -15.05 -10.16 18.06
N GLU A 215 -14.74 -9.70 16.84
CA GLU A 215 -15.74 -9.59 15.80
C GLU A 215 -16.39 -10.93 15.49
N LYS A 216 -15.62 -11.89 14.97
CA LYS A 216 -16.26 -13.09 14.40
C LYS A 216 -16.73 -14.07 15.48
N THR A 217 -16.00 -14.23 16.58
CA THR A 217 -16.24 -15.32 17.54
C THR A 217 -16.68 -14.85 18.92
N GLY A 218 -16.78 -13.54 19.17
CA GLY A 218 -17.29 -13.10 20.45
C GLY A 218 -16.47 -13.44 21.67
N LYS A 219 -15.18 -13.76 21.51
CA LYS A 219 -14.37 -13.90 22.71
C LYS A 219 -14.09 -12.52 23.32
N ARG A 220 -13.66 -12.51 24.58
CA ARG A 220 -13.27 -11.26 25.21
C ARG A 220 -11.95 -10.77 24.61
N SER A 221 -11.91 -9.53 24.13
CA SER A 221 -10.77 -9.06 23.34
C SER A 221 -9.56 -8.74 24.22
N THR A 222 -8.37 -9.03 23.69
CA THR A 222 -7.14 -8.65 24.36
C THR A 222 -6.34 -7.67 23.50
N SER A 223 -7.04 -6.85 22.72
CA SER A 223 -6.42 -5.92 21.81
C SER A 223 -5.77 -4.78 22.56
N ALA A 224 -4.87 -4.08 21.86
CA ALA A 224 -4.15 -2.97 22.50
C ALA A 224 -5.12 -1.94 23.04
N ALA A 225 -6.17 -1.63 22.28
CA ALA A 225 -7.14 -0.65 22.76
C ALA A 225 -7.71 -1.09 24.10
N VAL A 226 -7.99 -2.38 24.26
CA VAL A 226 -8.58 -2.88 25.49
C VAL A 226 -7.53 -2.91 26.59
N LEU A 227 -6.31 -3.34 26.26
CA LEU A 227 -5.23 -3.32 27.25
C LEU A 227 -4.88 -1.90 27.66
N GLU A 228 -4.88 -0.94 26.72
CA GLU A 228 -4.63 0.44 27.07
C GLU A 228 -5.64 0.92 28.10
N ALA A 229 -6.89 0.50 27.96
CA ALA A 229 -7.92 0.82 28.93
C ALA A 229 -7.70 0.15 30.27
N LEU A 230 -6.63 -0.64 30.42
CA LEU A 230 -6.32 -1.31 31.68
C LEU A 230 -4.86 -1.11 32.07
N ARG A 231 -4.19 -0.11 31.52
CA ARG A 231 -2.77 0.06 31.78
C ARG A 231 -2.51 0.33 33.26
N GLU A 232 -3.39 1.09 33.90
CA GLU A 232 -3.30 1.36 35.33
C GLU A 232 -4.21 0.45 36.15
N ALA A 233 -5.16 -0.24 35.52
CA ALA A 233 -6.03 -1.18 36.21
C ALA A 233 -5.29 -2.41 36.72
N HIS A 234 -3.98 -2.51 36.46
CA HIS A 234 -3.15 -3.64 36.87
C HIS A 234 -1.76 -3.54 36.23
N PRO A 235 -0.71 -3.97 36.93
CA PRO A 235 0.64 -3.85 36.35
C PRO A 235 0.89 -4.79 35.19
N ILE A 236 0.34 -6.00 35.22
CA ILE A 236 0.67 -6.98 34.19
C ILE A 236 0.24 -6.50 32.81
N VAL A 237 -0.85 -5.73 32.73
CA VAL A 237 -1.27 -5.19 31.44
C VAL A 237 -0.11 -4.46 30.79
N GLU A 238 0.49 -3.51 31.51
CA GLU A 238 1.61 -2.73 31.02
C GLU A 238 2.67 -3.58 30.30
N LYS A 239 3.15 -4.63 30.97
CA LYS A 239 4.19 -5.48 30.37
C LYS A 239 3.68 -6.17 29.12
N ILE A 240 2.44 -6.67 29.16
CA ILE A 240 1.86 -7.31 27.97
C ILE A 240 2.01 -6.40 26.76
N LEU A 241 1.60 -5.13 26.91
CA LEU A 241 1.73 -4.17 25.82
C LEU A 241 3.16 -4.12 25.30
N GLN A 242 4.13 -4.16 26.20
CA GLN A 242 5.53 -4.08 25.78
C GLN A 242 6.04 -5.39 25.22
N TYR A 243 5.57 -6.54 25.74
CA TYR A 243 5.92 -7.80 25.10
C TYR A 243 5.32 -7.87 23.69
N ARG A 244 4.13 -7.30 23.50
CA ARG A 244 3.49 -7.36 22.20
C ARG A 244 4.28 -6.55 21.18
N GLU A 245 4.72 -5.36 21.58
CA GLU A 245 5.45 -4.50 20.67
C GLU A 245 6.73 -5.17 20.21
N LEU A 246 7.56 -5.63 21.15
CA LEU A 246 8.83 -6.27 20.80
C LEU A 246 8.63 -7.50 19.93
N THR A 247 7.76 -8.42 20.36
CA THR A 247 7.54 -9.64 19.60
C THR A 247 6.99 -9.34 18.22
N LYS A 248 6.09 -8.36 18.15
CA LYS A 248 5.57 -7.93 16.86
C LYS A 248 6.70 -7.49 15.94
N LEU A 249 7.58 -6.62 16.41
CA LEU A 249 8.66 -6.14 15.54
C LEU A 249 9.70 -7.22 15.29
N LYS A 250 10.05 -8.00 16.32
CA LYS A 250 11.04 -9.04 16.11
C LYS A 250 10.56 -10.03 15.06
N SER A 251 9.36 -10.60 15.24
CA SER A 251 8.88 -11.67 14.37
C SER A 251 8.40 -11.19 13.01
N THR A 252 8.00 -9.94 12.88
CA THR A 252 7.52 -9.45 11.60
C THR A 252 8.61 -8.79 10.76
N TYR A 253 9.60 -8.15 11.38
CA TYR A 253 10.57 -7.36 10.63
C TYR A 253 12.01 -7.79 10.92
N ILE A 254 12.43 -7.69 12.19
CA ILE A 254 13.83 -7.88 12.52
C ILE A 254 14.33 -9.23 12.06
N ASP A 255 13.56 -10.30 12.30
CA ASP A 255 14.07 -11.65 12.02
C ASP A 255 13.89 -12.03 10.56
N PRO A 256 12.76 -11.70 9.92
CA PRO A 256 12.53 -12.18 8.55
C PRO A 256 13.25 -11.37 7.48
N LEU A 257 13.31 -10.06 7.61
CA LEU A 257 13.93 -9.24 6.57
C LEU A 257 15.33 -9.71 6.21
N PRO A 258 16.24 -9.91 7.17
CA PRO A 258 17.62 -10.27 6.78
C PRO A 258 17.71 -11.53 5.94
N ASP A 259 16.83 -12.50 6.16
CA ASP A 259 16.91 -13.75 5.40
C ASP A 259 16.29 -13.64 4.01
N LEU A 260 15.88 -12.45 3.57
CA LEU A 260 15.29 -12.29 2.25
C LEU A 260 16.20 -11.56 1.27
N ILE A 261 17.49 -11.44 1.57
CA ILE A 261 18.37 -10.74 0.65
C ILE A 261 18.55 -11.58 -0.60
N HIS A 262 18.45 -10.95 -1.73
CA HIS A 262 18.60 -11.78 -2.90
C HIS A 262 20.06 -12.14 -3.10
N PRO A 263 20.36 -13.35 -3.56
CA PRO A 263 21.78 -13.73 -3.67
C PRO A 263 22.52 -13.01 -4.78
N ARG A 264 21.86 -12.74 -5.91
CA ARG A 264 22.54 -12.08 -7.02
C ARG A 264 22.65 -10.58 -6.83
N THR A 265 21.65 -9.94 -6.23
CA THR A 265 21.60 -8.50 -6.11
C THR A 265 22.19 -7.99 -4.80
N GLY A 266 22.19 -8.83 -3.77
CA GLY A 266 22.51 -8.36 -2.42
C GLY A 266 21.51 -7.41 -1.82
N ARG A 267 20.35 -7.24 -2.44
CA ARG A 267 19.36 -6.30 -1.94
C ARG A 267 18.04 -7.00 -1.63
N LEU A 268 17.10 -6.24 -1.06
CA LEU A 268 15.79 -6.75 -0.61
C LEU A 268 14.71 -6.33 -1.61
N HIS A 269 13.94 -7.30 -2.12
CA HIS A 269 12.98 -7.02 -3.19
C HIS A 269 11.54 -7.30 -2.75
N THR A 270 10.70 -6.26 -2.80
CA THR A 270 9.28 -6.37 -2.55
C THR A 270 8.56 -6.54 -3.88
N ARG A 271 7.24 -6.72 -3.82
CA ARG A 271 6.39 -6.71 -5.00
C ARG A 271 5.41 -5.57 -4.84
N PHE A 272 5.21 -4.80 -5.91
CA PHE A 272 4.24 -3.69 -5.86
C PHE A 272 3.02 -4.13 -6.65
N ASN A 273 2.03 -4.68 -5.94
CA ASN A 273 0.83 -5.21 -6.56
C ASN A 273 -0.04 -4.09 -7.06
N GLN A 274 -0.35 -4.13 -8.36
CA GLN A 274 -1.01 -3.04 -9.05
C GLN A 274 -2.51 -3.21 -9.20
N THR A 275 -3.05 -4.43 -8.97
CA THR A 275 -4.50 -4.65 -8.99
C THR A 275 -4.93 -5.35 -7.69
N ALA A 276 -4.65 -4.70 -6.56
CA ALA A 276 -4.81 -5.34 -5.26
C ALA A 276 -5.77 -4.64 -4.32
N THR A 277 -6.08 -3.36 -4.53
CA THR A 277 -6.89 -2.59 -3.60
C THR A 277 -8.14 -2.05 -4.28
N ALA A 278 -9.11 -1.68 -3.47
CA ALA A 278 -10.39 -1.22 -3.96
C ALA A 278 -10.42 0.27 -4.27
N THR A 279 -9.41 1.03 -3.82
CA THR A 279 -9.40 2.48 -3.99
C THR A 279 -8.46 2.95 -5.09
N GLY A 280 -7.54 2.11 -5.54
CA GLY A 280 -6.54 2.53 -6.50
C GLY A 280 -5.15 2.60 -5.93
N ARG A 281 -5.01 2.46 -4.61
CA ARG A 281 -3.70 2.39 -4.01
C ARG A 281 -2.96 1.16 -4.53
N LEU A 282 -1.62 1.24 -4.52
CA LEU A 282 -0.79 0.05 -4.58
C LEU A 282 -0.82 -0.70 -3.26
N SER A 283 -0.33 -1.94 -3.29
CA SER A 283 0.02 -2.64 -2.08
C SER A 283 1.41 -3.21 -2.26
N SER A 284 2.06 -3.60 -1.17
CA SER A 284 3.38 -4.19 -1.24
C SER A 284 3.39 -5.49 -0.46
N SER A 285 4.10 -6.50 -0.99
CA SER A 285 4.07 -7.80 -0.33
C SER A 285 5.31 -8.61 -0.68
N ASP A 286 5.66 -9.53 0.24
CA ASP A 286 6.66 -10.56 0.00
C ASP A 286 8.07 -10.00 -0.15
N PRO A 287 8.55 -9.19 0.79
CA PRO A 287 7.85 -8.71 1.97
C PRO A 287 7.11 -7.41 1.71
N ASN A 288 6.18 -7.06 2.61
CA ASN A 288 5.51 -5.76 2.54
C ASN A 288 6.51 -4.72 3.02
N LEU A 289 6.95 -3.82 2.13
CA LEU A 289 7.82 -2.75 2.54
C LEU A 289 7.05 -1.44 2.73
N GLN A 290 5.73 -1.51 2.76
CA GLN A 290 4.92 -0.32 3.01
C GLN A 290 4.48 -0.16 4.46
N ASN A 291 4.87 -1.06 5.36
CA ASN A 291 4.49 -0.92 6.77
C ASN A 291 5.71 -1.12 7.65
N ILE A 292 6.88 -0.74 7.16
CA ILE A 292 8.08 -0.84 7.99
C ILE A 292 7.92 0.08 9.19
N PRO A 293 8.23 -0.35 10.42
CA PRO A 293 7.91 0.47 11.60
C PRO A 293 8.56 1.84 11.54
N VAL A 294 7.96 2.77 12.28
CA VAL A 294 8.55 4.11 12.34
C VAL A 294 8.02 4.94 13.51
N ARG A 295 6.90 4.53 14.10
CA ARG A 295 6.23 5.43 15.03
C ARG A 295 6.80 5.39 16.44
N THR A 296 7.46 4.32 16.83
CA THR A 296 8.06 4.21 18.15
C THR A 296 9.58 4.23 18.05
N PRO A 297 10.26 4.41 19.19
CA PRO A 297 11.74 4.39 19.16
C PRO A 297 12.33 3.08 18.63
N LEU A 298 11.78 1.92 19.00
CA LEU A 298 12.34 0.67 18.49
C LEU A 298 12.11 0.54 16.99
N GLY A 299 10.89 0.80 16.52
CA GLY A 299 10.65 0.71 15.08
C GLY A 299 11.63 1.57 14.32
N GLN A 300 11.99 2.71 14.89
CA GLN A 300 12.93 3.59 14.19
C GLN A 300 14.26 2.89 14.00
N ARG A 301 14.71 2.15 15.01
CA ARG A 301 15.91 1.35 14.83
C ARG A 301 15.78 0.42 13.62
N ILE A 302 14.58 -0.09 13.37
CA ILE A 302 14.40 -0.98 12.22
C ILE A 302 14.55 -0.21 10.92
N ARG A 303 13.94 0.98 10.84
CA ARG A 303 14.03 1.78 9.63
C ARG A 303 15.47 2.14 9.30
N ARG A 304 16.28 2.43 10.31
CA ARG A 304 17.70 2.66 10.10
C ARG A 304 18.35 1.53 9.30
N ALA A 305 17.79 0.32 9.35
CA ALA A 305 18.41 -0.78 8.61
C ALA A 305 18.35 -0.59 7.10
N PHE A 306 17.50 0.29 6.60
CA PHE A 306 17.29 0.44 5.17
C PHE A 306 18.25 1.53 4.68
N ILE A 307 19.32 1.12 3.99
CA ILE A 307 20.41 2.06 3.70
C ILE A 307 20.70 2.13 2.20
N ALA A 308 21.48 3.16 1.83
CA ALA A 308 21.94 3.35 0.46
C ALA A 308 23.14 2.48 0.13
N GLU A 309 23.20 2.05 -1.12
CA GLU A 309 24.47 1.56 -1.68
C GLU A 309 25.57 2.56 -1.37
N GLU A 310 26.76 2.04 -1.11
CA GLU A 310 27.90 2.91 -0.83
C GLU A 310 28.11 3.89 -1.97
N GLY A 311 28.39 5.14 -1.65
CA GLY A 311 28.51 6.18 -2.66
C GLY A 311 27.19 6.77 -3.10
N TRP A 312 26.07 6.34 -2.54
CA TRP A 312 24.76 6.88 -2.85
C TRP A 312 24.10 7.44 -1.58
N LEU A 313 22.96 8.10 -1.77
CA LEU A 313 22.14 8.58 -0.67
C LEU A 313 20.69 8.31 -0.98
N LEU A 314 19.90 8.04 0.07
CA LEU A 314 18.48 7.92 -0.09
C LEU A 314 17.84 9.29 -0.15
N VAL A 315 16.83 9.45 -0.98
CA VAL A 315 16.05 10.67 -1.03
C VAL A 315 14.59 10.30 -0.72
N ALA A 316 14.04 10.90 0.31
CA ALA A 316 12.70 10.59 0.80
C ALA A 316 11.79 11.78 0.57
N LEU A 317 10.78 11.58 -0.26
CA LEU A 317 9.79 12.61 -0.59
C LEU A 317 8.41 12.15 -0.14
N ASP A 318 7.65 13.08 0.42
CA ASP A 318 6.42 12.76 1.12
C ASP A 318 5.46 13.95 1.03
N TYR A 319 4.29 13.75 0.41
CA TYR A 319 3.32 14.84 0.28
C TYR A 319 2.77 15.22 1.64
N SER A 320 2.55 16.50 1.87
CA SER A 320 2.03 16.96 3.15
C SER A 320 0.51 16.93 3.13
N GLN A 321 -0.08 16.37 4.20
CA GLN A 321 -1.53 16.39 4.39
C GLN A 321 -2.25 16.12 3.08
N ILE A 322 -1.84 15.06 2.41
CA ILE A 322 -2.21 14.88 1.01
C ILE A 322 -3.72 14.75 0.86
N GLU A 323 -4.33 13.80 1.59
CA GLU A 323 -5.77 13.60 1.46
C GLU A 323 -6.56 14.81 1.91
N LEU A 324 -6.06 15.58 2.87
CA LEU A 324 -6.75 16.83 3.23
C LEU A 324 -6.78 17.81 2.05
N ARG A 325 -5.62 18.02 1.40
CA ARG A 325 -5.61 18.88 0.22
C ARG A 325 -6.57 18.37 -0.85
N VAL A 326 -6.55 17.05 -1.10
CA VAL A 326 -7.50 16.50 -2.05
C VAL A 326 -8.93 16.80 -1.62
N LEU A 327 -9.21 16.72 -0.32
CA LEU A 327 -10.56 17.01 0.16
C LEU A 327 -10.91 18.45 -0.15
N ALA A 328 -9.99 19.37 0.08
CA ALA A 328 -10.25 20.76 -0.25
C ALA A 328 -10.64 20.86 -1.72
N HIS A 329 -9.79 20.33 -2.60
CA HIS A 329 -10.07 20.42 -4.04
C HIS A 329 -11.38 19.74 -4.39
N LEU A 330 -11.57 18.51 -3.90
CA LEU A 330 -12.78 17.75 -4.24
C LEU A 330 -14.04 18.49 -3.80
N SER A 331 -14.01 19.07 -2.59
CA SER A 331 -15.21 19.63 -1.98
C SER A 331 -15.46 21.07 -2.41
N GLY A 332 -14.42 21.89 -2.51
CA GLY A 332 -14.62 23.30 -2.74
C GLY A 332 -14.73 24.12 -1.48
N ASP A 333 -14.48 23.54 -0.30
CA ASP A 333 -14.57 24.31 0.92
C ASP A 333 -13.56 25.46 0.91
N GLU A 334 -14.08 26.67 0.78
CA GLU A 334 -13.21 27.85 0.77
C GLU A 334 -12.36 27.92 2.02
N ASN A 335 -12.96 27.67 3.19
CA ASN A 335 -12.21 27.78 4.43
C ASN A 335 -11.07 26.78 4.48
N LEU A 336 -11.27 25.61 3.86
CA LEU A 336 -10.20 24.61 3.80
C LEU A 336 -9.19 24.95 2.71
N ILE A 337 -9.65 25.45 1.56
CA ILE A 337 -8.73 25.96 0.53
C ILE A 337 -7.79 26.98 1.14
N ARG A 338 -8.35 27.99 1.80
CA ARG A 338 -7.53 29.03 2.42
C ARG A 338 -6.50 28.44 3.38
N VAL A 339 -6.93 27.52 4.25
CA VAL A 339 -6.03 26.83 5.16
C VAL A 339 -4.74 26.53 4.44
N PHE A 340 -4.86 25.99 3.23
CA PHE A 340 -3.67 25.57 2.49
C PHE A 340 -3.12 26.67 1.60
N GLN A 341 -3.95 27.56 1.06
CA GLN A 341 -3.42 28.63 0.24
C GLN A 341 -2.53 29.57 1.04
N GLU A 342 -2.66 29.59 2.37
CA GLU A 342 -1.81 30.41 3.23
C GLU A 342 -0.98 29.53 4.17
N GLY A 343 -0.51 28.39 3.68
CA GLY A 343 0.49 27.59 4.35
C GLY A 343 0.20 27.21 5.79
N ARG A 344 -1.07 26.99 6.12
CA ARG A 344 -1.47 26.59 7.46
C ARG A 344 -1.29 25.08 7.64
N ASP A 345 -1.01 24.67 8.87
CA ASP A 345 -0.88 23.26 9.23
C ASP A 345 -1.93 22.95 10.29
N ILE A 346 -2.78 21.97 10.01
CA ILE A 346 -3.83 21.57 10.95
C ILE A 346 -3.62 20.17 11.48
N HIS A 347 -2.56 19.47 11.07
CA HIS A 347 -2.08 18.32 11.84
C HIS A 347 -1.27 18.77 13.05
N THR A 348 -0.61 19.92 12.93
CA THR A 348 0.07 20.51 14.08
C THR A 348 -0.90 21.28 14.96
N GLU A 349 -2.02 21.76 14.42
CA GLU A 349 -3.01 22.46 15.22
C GLU A 349 -3.87 21.50 16.05
N THR A 350 -4.09 20.27 15.58
CA THR A 350 -4.77 19.25 16.35
C THR A 350 -3.88 18.60 17.41
N ALA A 351 -2.57 18.88 17.39
CA ALA A 351 -1.66 18.33 18.39
C ALA A 351 -1.74 19.11 19.70
N SER A 352 -1.43 20.40 19.67
CA SER A 352 -1.53 21.21 20.90
C SER A 352 -2.97 21.31 21.38
N TRP A 353 -3.93 21.31 20.45
CA TRP A 353 -5.33 21.34 20.83
C TRP A 353 -5.68 20.14 21.72
N MET A 354 -5.23 18.95 21.33
CA MET A 354 -5.54 17.73 22.06
C MET A 354 -4.59 17.52 23.22
N ASP A 363 5.57 18.10 18.87
CA ASP A 363 6.76 17.45 18.32
C ASP A 363 6.37 16.27 17.42
N PRO A 364 7.36 15.55 16.90
CA PRO A 364 7.06 14.50 15.91
C PRO A 364 6.16 13.38 16.41
N LEU A 365 6.20 13.01 17.69
CA LEU A 365 5.30 11.94 18.15
C LEU A 365 3.90 12.47 18.46
N MET A 366 3.78 13.74 18.86
CA MET A 366 2.44 14.33 19.06
C MET A 366 1.76 14.64 17.73
N ARG A 367 2.53 14.87 16.66
CA ARG A 367 1.92 15.13 15.37
C ARG A 367 1.37 13.85 14.75
N ARG A 368 2.05 12.73 14.95
CA ARG A 368 1.51 11.45 14.49
C ARG A 368 0.17 11.15 15.14
N ALA A 369 -0.04 11.61 16.38
CA ALA A 369 -1.31 11.38 17.06
C ALA A 369 -2.42 12.20 16.43
N ALA A 370 -2.19 13.51 16.24
CA ALA A 370 -3.16 14.34 15.55
C ALA A 370 -3.43 13.84 14.14
N LYS A 371 -2.52 13.02 13.58
CA LYS A 371 -2.79 12.41 12.28
C LYS A 371 -3.79 11.25 12.41
N THR A 372 -3.62 10.38 13.41
CA THR A 372 -4.66 9.40 13.69
C THR A 372 -5.96 10.08 14.11
N ILE A 373 -5.88 11.26 14.72
CA ILE A 373 -7.08 11.94 15.20
C ILE A 373 -7.83 12.60 14.05
N ASN A 374 -7.18 13.53 13.36
CA ASN A 374 -7.89 14.28 12.33
C ASN A 374 -8.37 13.37 11.19
N PHE A 375 -7.69 12.24 10.98
CA PHE A 375 -8.15 11.32 9.94
C PHE A 375 -9.27 10.42 10.46
N GLY A 376 -9.11 9.85 11.66
CA GLY A 376 -10.22 9.16 12.27
C GLY A 376 -11.47 10.02 12.31
N VAL A 377 -11.34 11.22 12.87
CA VAL A 377 -12.44 12.19 12.87
C VAL A 377 -13.06 12.28 11.49
N LEU A 378 -12.24 12.55 10.48
CA LEU A 378 -12.75 12.96 9.18
C LEU A 378 -13.59 11.88 8.52
N TYR A 379 -13.23 10.60 8.69
CA TYR A 379 -13.84 9.49 7.97
C TYR A 379 -14.92 8.78 8.77
N GLY A 380 -15.66 9.51 9.60
CA GLY A 380 -16.81 8.94 10.26
C GLY A 380 -16.53 8.19 11.54
N MET A 381 -15.47 8.54 12.26
CA MET A 381 -15.22 7.92 13.55
C MET A 381 -16.33 8.28 14.54
N SER A 382 -16.42 7.52 15.62
CA SER A 382 -17.48 7.69 16.60
C SER A 382 -17.02 8.56 17.75
N ALA A 383 -17.92 9.43 18.22
CA ALA A 383 -17.63 10.25 19.38
C ALA A 383 -17.10 9.39 20.52
N HIS A 384 -17.60 8.17 20.65
CA HIS A 384 -17.16 7.27 21.71
C HIS A 384 -15.66 6.98 21.62
N ARG A 385 -15.20 6.48 20.47
CA ARG A 385 -13.79 6.12 20.34
C ARG A 385 -12.87 7.34 20.35
N LEU A 386 -13.33 8.47 19.81
CA LEU A 386 -12.53 9.70 19.92
C LEU A 386 -12.36 10.09 21.38
N SER A 387 -13.45 10.06 22.15
CA SER A 387 -13.34 10.36 23.56
C SER A 387 -12.34 9.43 24.23
N GLN A 388 -12.36 8.15 23.85
CA GLN A 388 -11.48 7.18 24.49
C GLN A 388 -10.03 7.40 24.11
N GLU A 389 -9.75 7.63 22.82
CA GLU A 389 -8.39 7.88 22.39
C GLU A 389 -7.79 9.08 23.11
N LEU A 390 -8.37 10.27 22.89
CA LEU A 390 -7.84 11.52 23.43
C LEU A 390 -7.91 11.55 24.96
N ALA A 391 -8.42 10.48 25.57
CA ALA A 391 -8.49 10.37 27.02
C ALA A 391 -9.40 11.42 27.65
N ILE A 392 -10.41 11.86 26.91
CA ILE A 392 -11.31 12.90 27.39
C ILE A 392 -12.71 12.33 27.56
N PRO A 393 -13.65 13.07 28.13
CA PRO A 393 -15.02 12.56 28.27
C PRO A 393 -15.77 12.60 26.94
N TYR A 394 -16.82 11.78 26.86
CA TYR A 394 -17.67 11.76 25.68
C TYR A 394 -18.22 13.16 25.37
N GLU A 395 -18.54 13.92 26.42
CA GLU A 395 -19.02 15.28 26.22
C GLU A 395 -18.02 16.10 25.41
N GLU A 396 -16.73 15.94 25.69
CA GLU A 396 -15.69 16.70 24.99
C GLU A 396 -15.42 16.14 23.60
N ALA A 397 -15.55 14.83 23.40
CA ALA A 397 -15.26 14.25 22.10
C ALA A 397 -16.26 14.70 21.03
N GLN A 398 -17.52 14.94 21.40
CA GLN A 398 -18.50 15.36 20.41
C GLN A 398 -18.23 16.77 19.92
N ALA A 399 -17.63 17.62 20.76
CA ALA A 399 -17.35 19.00 20.38
C ALA A 399 -16.15 19.11 19.44
N PHE A 400 -15.17 18.22 19.56
CA PHE A 400 -14.13 18.15 18.54
C PHE A 400 -14.68 17.65 17.22
N ILE A 401 -15.80 16.93 17.24
CA ILE A 401 -16.46 16.52 16.00
C ILE A 401 -17.43 17.59 15.50
N GLU A 402 -18.04 18.36 16.41
CA GLU A 402 -18.86 19.49 15.99
C GLU A 402 -18.01 20.55 15.31
N ARG A 403 -16.92 20.98 15.96
CA ARG A 403 -16.10 22.06 15.42
C ARG A 403 -15.32 21.62 14.18
N TYR A 404 -14.76 20.41 14.23
CA TYR A 404 -13.92 19.92 13.13
C TYR A 404 -14.64 19.96 11.78
N PHE A 405 -15.97 19.86 11.78
CA PHE A 405 -16.73 20.00 10.54
C PHE A 405 -17.45 21.35 10.41
N GLN A 406 -17.65 22.07 11.51
CA GLN A 406 -18.13 23.44 11.41
C GLN A 406 -17.15 24.30 10.64
N SER A 407 -15.86 24.16 10.95
CA SER A 407 -14.81 24.96 10.31
C SER A 407 -14.91 24.88 8.80
N PHE A 408 -15.26 23.70 8.27
CA PHE A 408 -15.16 23.42 6.84
C PHE A 408 -16.50 22.90 6.34
N PRO A 409 -17.48 23.78 6.17
CA PRO A 409 -18.86 23.32 5.95
C PRO A 409 -19.08 22.55 4.66
N LYS A 410 -18.38 22.90 3.58
CA LYS A 410 -18.66 22.27 2.30
C LYS A 410 -18.28 20.80 2.27
N VAL A 411 -17.52 20.32 3.26
CA VAL A 411 -17.12 18.91 3.27
C VAL A 411 -18.34 18.02 3.43
N ARG A 412 -19.16 18.31 4.45
CA ARG A 412 -20.37 17.53 4.67
C ARG A 412 -21.27 17.57 3.43
N ALA A 413 -21.41 18.75 2.83
CA ALA A 413 -22.21 18.83 1.61
C ALA A 413 -21.61 17.95 0.52
N TRP A 414 -20.28 17.85 0.47
CA TRP A 414 -19.64 17.01 -0.53
C TRP A 414 -19.87 15.54 -0.20
N ILE A 415 -19.71 15.17 1.06
CA ILE A 415 -20.03 13.81 1.48
C ILE A 415 -21.42 13.41 0.98
N GLU A 416 -22.42 14.25 1.24
CA GLU A 416 -23.77 13.92 0.82
C GLU A 416 -23.85 13.70 -0.69
N LYS A 417 -23.40 14.68 -1.47
CA LYS A 417 -23.48 14.54 -2.92
C LYS A 417 -22.79 13.26 -3.37
N THR A 418 -21.63 12.95 -2.80
CA THR A 418 -20.95 11.70 -3.15
C THR A 418 -21.87 10.51 -2.91
N LEU A 419 -22.41 10.39 -1.70
CA LEU A 419 -23.25 9.23 -1.39
C LEU A 419 -24.47 9.20 -2.29
N GLU A 420 -25.17 10.33 -2.42
CA GLU A 420 -26.33 10.38 -3.30
C GLU A 420 -25.96 9.89 -4.69
N GLU A 421 -24.79 10.30 -5.18
CA GLU A 421 -24.40 9.95 -6.54
C GLU A 421 -24.06 8.47 -6.64
N GLY A 422 -23.36 7.95 -5.64
CA GLY A 422 -23.06 6.53 -5.65
C GLY A 422 -24.30 5.66 -5.52
N ARG A 423 -25.34 6.18 -4.89
CA ARG A 423 -26.59 5.42 -4.85
C ARG A 423 -27.22 5.32 -6.24
N ARG A 424 -27.22 6.43 -6.98
CA ARG A 424 -27.84 6.41 -8.30
C ARG A 424 -27.00 5.58 -9.27
N ARG A 425 -25.69 5.75 -9.23
CA ARG A 425 -24.84 5.16 -10.24
C ARG A 425 -24.29 3.80 -9.82
N GLY A 426 -24.47 3.41 -8.57
CA GLY A 426 -23.86 2.21 -8.06
C GLY A 426 -22.36 2.28 -7.83
N TYR A 427 -21.70 3.40 -8.11
CA TYR A 427 -20.27 3.51 -7.86
C TYR A 427 -19.90 4.95 -7.53
N VAL A 428 -18.73 5.10 -6.90
CA VAL A 428 -18.11 6.39 -6.65
C VAL A 428 -16.82 6.45 -7.48
N GLU A 429 -16.32 7.66 -7.68
CA GLU A 429 -15.21 7.84 -8.60
C GLU A 429 -14.27 8.91 -8.05
N THR A 430 -12.99 8.79 -8.44
CA THR A 430 -11.96 9.75 -8.09
C THR A 430 -11.98 10.90 -9.06
N LEU A 431 -11.10 11.87 -8.81
CA LEU A 431 -11.02 13.05 -9.69
C LEU A 431 -10.82 12.65 -11.14
N PHE A 432 -10.11 11.55 -11.38
CA PHE A 432 -9.84 11.06 -12.72
C PHE A 432 -10.85 10.02 -13.20
N GLY A 433 -11.89 9.71 -12.44
CA GLY A 433 -12.86 8.76 -12.90
C GLY A 433 -12.57 7.31 -12.57
N ARG A 434 -11.63 7.05 -11.66
CA ARG A 434 -11.43 5.68 -11.21
C ARG A 434 -12.68 5.30 -10.45
N ARG A 435 -13.23 4.12 -10.73
CA ARG A 435 -14.49 3.72 -10.11
C ARG A 435 -14.27 2.68 -9.03
N ARG A 436 -15.13 2.72 -8.02
CA ARG A 436 -15.30 1.64 -7.07
C ARG A 436 -16.80 1.41 -6.93
N TYR A 437 -17.24 0.17 -7.16
CA TYR A 437 -18.63 -0.16 -6.92
C TYR A 437 -18.87 -0.36 -5.43
N VAL A 438 -19.93 0.27 -4.92
CA VAL A 438 -20.30 0.22 -3.51
C VAL A 438 -21.79 -0.12 -3.42
N PRO A 439 -22.17 -1.37 -3.54
CA PRO A 439 -23.59 -1.68 -3.70
C PRO A 439 -24.40 -1.53 -2.42
N ASP A 440 -23.77 -1.70 -1.26
CA ASP A 440 -24.58 -1.71 -0.05
C ASP A 440 -25.07 -0.33 0.37
N LEU A 441 -25.00 0.67 -0.53
CA LEU A 441 -25.48 1.99 -0.17
C LEU A 441 -26.99 2.05 -0.02
N GLU A 442 -27.72 1.09 -0.57
CA GLU A 442 -29.16 1.05 -0.36
C GLU A 442 -29.56 -0.14 0.51
N ALA A 443 -28.62 -0.70 1.26
CA ALA A 443 -28.92 -1.78 2.19
C ALA A 443 -29.95 -1.34 3.19
N ARG A 444 -30.80 -2.30 3.61
CA ARG A 444 -31.85 -2.01 4.58
C ARG A 444 -31.42 -2.27 6.02
N VAL A 445 -30.25 -2.84 6.24
CA VAL A 445 -29.65 -2.91 7.58
C VAL A 445 -28.81 -1.67 7.77
N LYS A 446 -29.18 -0.84 8.75
CA LYS A 446 -28.50 0.44 8.92
C LYS A 446 -27.00 0.25 9.03
N SER A 447 -26.56 -0.62 9.92
CA SER A 447 -25.12 -0.84 10.09
C SER A 447 -24.42 -1.15 8.77
N VAL A 448 -24.97 -2.10 7.99
CA VAL A 448 -24.37 -2.47 6.71
C VAL A 448 -24.34 -1.27 5.77
N ARG A 449 -25.43 -0.50 5.74
CA ARG A 449 -25.50 0.66 4.88
C ARG A 449 -24.46 1.70 5.28
N GLU A 450 -24.37 1.98 6.59
CA GLU A 450 -23.46 3.04 7.00
C GLU A 450 -21.99 2.63 6.89
N ALA A 451 -21.68 1.33 6.99
CA ALA A 451 -20.32 0.92 6.62
C ALA A 451 -20.04 1.25 5.17
N ALA A 452 -20.92 0.78 4.27
CA ALA A 452 -20.80 1.10 2.85
C ALA A 452 -20.58 2.60 2.65
N GLU A 453 -21.38 3.42 3.33
CA GLU A 453 -21.20 4.86 3.17
C GLU A 453 -19.79 5.27 3.55
N ARG A 454 -19.25 4.70 4.62
CA ARG A 454 -17.90 5.11 4.99
C ARG A 454 -16.89 4.67 3.93
N LYS A 455 -17.08 3.47 3.37
CA LYS A 455 -16.28 3.03 2.24
C LYS A 455 -16.44 3.98 1.07
N ALA A 456 -17.66 4.48 0.84
CA ALA A 456 -17.94 5.16 -0.41
C ALA A 456 -17.29 6.54 -0.48
N PHE A 457 -17.40 7.33 0.57
CA PHE A 457 -16.88 8.66 0.45
C PHE A 457 -15.40 8.74 0.76
N ASN A 458 -14.83 7.72 1.41
CA ASN A 458 -13.38 7.70 1.57
C ASN A 458 -12.67 7.45 0.24
N MET A 459 -13.26 6.61 -0.61
CA MET A 459 -12.64 6.18 -1.86
C MET A 459 -12.17 7.32 -2.76
N PRO A 460 -13.04 8.25 -3.17
CA PRO A 460 -12.56 9.34 -4.04
C PRO A 460 -11.40 10.10 -3.43
N VAL A 461 -11.32 10.16 -2.10
CA VAL A 461 -10.27 10.93 -1.46
C VAL A 461 -8.96 10.15 -1.40
N GLN A 462 -9.03 8.90 -0.95
CA GLN A 462 -7.82 8.07 -0.93
C GLN A 462 -7.41 7.69 -2.35
N GLY A 463 -8.41 7.44 -3.22
CA GLY A 463 -8.11 7.05 -4.58
C GLY A 463 -7.61 8.21 -5.45
N THR A 464 -8.03 9.44 -5.15
CA THR A 464 -7.47 10.57 -5.88
C THR A 464 -6.01 10.79 -5.51
N ALA A 465 -5.70 10.71 -4.21
CA ALA A 465 -4.31 10.81 -3.78
C ALA A 465 -3.45 9.72 -4.42
N ALA A 466 -4.03 8.53 -4.64
CA ALA A 466 -3.29 7.45 -5.31
C ALA A 466 -3.16 7.71 -6.81
N ASP A 467 -4.19 8.27 -7.45
CA ASP A 467 -4.03 8.66 -8.85
C ASP A 467 -2.90 9.67 -9.00
N LEU A 468 -2.91 10.72 -8.17
CA LEU A 468 -1.88 11.75 -8.22
C LEU A 468 -0.49 11.12 -8.09
N MET A 469 -0.33 10.25 -7.10
CA MET A 469 0.97 9.68 -6.83
C MET A 469 1.42 8.77 -7.96
N LYS A 470 0.52 7.92 -8.46
CA LYS A 470 0.89 7.11 -9.62
C LYS A 470 1.31 8.00 -10.80
N LEU A 471 0.59 9.08 -11.03
CA LEU A 471 0.96 9.99 -12.10
C LEU A 471 2.33 10.61 -11.86
N ALA A 472 2.59 11.02 -10.61
CA ALA A 472 3.90 11.56 -10.28
C ALA A 472 4.99 10.53 -10.54
N MET A 473 4.74 9.28 -10.19
CA MET A 473 5.74 8.26 -10.45
C MET A 473 5.94 8.08 -11.94
N VAL A 474 4.86 8.18 -12.73
CA VAL A 474 4.99 7.97 -14.16
C VAL A 474 5.80 9.10 -14.79
N LYS A 475 5.56 10.35 -14.35
CA LYS A 475 6.32 11.50 -14.85
C LYS A 475 7.75 11.50 -14.30
N LEU A 476 7.93 11.19 -13.01
CA LEU A 476 9.26 11.33 -12.42
C LEU A 476 10.22 10.27 -12.95
N PHE A 477 9.75 9.04 -13.18
CA PHE A 477 10.67 7.94 -13.46
C PHE A 477 11.61 8.23 -14.65
N PRO A 478 11.15 8.75 -15.79
CA PRO A 478 12.11 8.98 -16.89
C PRO A 478 13.20 9.98 -16.52
N ARG A 479 12.83 11.02 -15.77
CA ARG A 479 13.85 11.99 -15.36
C ARG A 479 14.92 11.34 -14.47
N LEU A 480 14.51 10.41 -13.59
CA LEU A 480 15.50 9.78 -12.70
C LEU A 480 16.48 8.93 -13.51
N GLU A 481 15.97 8.12 -14.44
CA GLU A 481 16.87 7.27 -15.23
C GLU A 481 17.90 8.11 -15.97
N GLU A 482 17.49 9.24 -16.54
CA GLU A 482 18.43 10.09 -17.27
C GLU A 482 19.43 10.76 -16.35
N MET A 483 19.12 10.93 -15.07
CA MET A 483 20.06 11.41 -14.07
C MET A 483 20.83 10.28 -13.41
N GLY A 484 20.64 9.03 -13.84
CA GLY A 484 21.27 7.93 -13.15
C GLY A 484 20.81 7.76 -11.72
N ALA A 485 19.58 8.12 -11.41
CA ALA A 485 19.05 7.85 -10.07
C ALA A 485 17.95 6.80 -10.16
N ARG A 486 17.59 6.25 -9.01
CA ARG A 486 16.71 5.10 -8.93
C ARG A 486 15.50 5.38 -8.07
N MET A 487 14.38 4.77 -8.44
CA MET A 487 13.19 4.81 -7.64
C MET A 487 13.07 3.47 -6.89
N LEU A 488 13.05 3.52 -5.57
CA LEU A 488 13.10 2.30 -4.76
C LEU A 488 11.74 1.90 -4.21
N LEU A 489 11.08 2.78 -3.47
CA LEU A 489 9.86 2.42 -2.76
C LEU A 489 8.83 3.51 -2.93
N GLN A 490 7.56 3.08 -2.85
CA GLN A 490 6.41 3.98 -2.73
C GLN A 490 5.62 3.50 -1.52
N VAL A 491 5.27 4.42 -0.63
CA VAL A 491 4.43 4.17 0.54
C VAL A 491 3.24 5.12 0.51
N HIS A 492 2.42 5.00 -0.54
CA HIS A 492 1.13 5.67 -0.68
C HIS A 492 1.22 7.16 -0.94
N ASP A 493 1.89 7.91 -0.08
CA ASP A 493 2.05 9.32 -0.40
C ASP A 493 3.51 9.71 -0.31
N GLU A 494 4.39 8.76 -0.54
CA GLU A 494 5.81 8.90 -0.24
C GLU A 494 6.61 8.15 -1.30
N LEU A 495 7.80 8.66 -1.60
CA LEU A 495 8.74 7.96 -2.45
C LEU A 495 10.10 7.95 -1.80
N VAL A 496 10.79 6.82 -1.93
CA VAL A 496 12.20 6.74 -1.62
C VAL A 496 12.95 6.51 -2.93
N LEU A 497 13.87 7.41 -3.22
CA LEU A 497 14.78 7.30 -4.35
C LEU A 497 16.18 7.02 -3.82
N GLU A 498 17.02 6.49 -4.70
CA GLU A 498 18.44 6.29 -4.40
C GLU A 498 19.21 7.05 -5.46
N ALA A 499 20.19 7.85 -5.04
CA ALA A 499 20.86 8.76 -5.98
C ALA A 499 22.36 8.78 -5.72
N PRO A 500 23.17 8.84 -6.76
CA PRO A 500 24.60 9.03 -6.55
C PRO A 500 24.84 10.26 -5.69
N LYS A 501 25.81 10.15 -4.79
CA LYS A 501 26.04 11.21 -3.81
C LYS A 501 26.06 12.59 -4.46
N GLU A 502 26.76 12.73 -5.60
CA GLU A 502 26.91 14.04 -6.21
C GLU A 502 25.70 14.49 -7.03
N ARG A 503 24.73 13.61 -7.30
CA ARG A 503 23.47 14.05 -7.88
C ARG A 503 22.35 14.15 -6.86
N ALA A 504 22.60 13.68 -5.63
CA ALA A 504 21.52 13.58 -4.66
C ALA A 504 20.79 14.90 -4.52
N GLU A 505 21.52 16.02 -4.48
CA GLU A 505 20.85 17.29 -4.18
C GLU A 505 19.98 17.71 -5.36
N ALA A 506 20.46 17.49 -6.58
CA ALA A 506 19.71 17.88 -7.76
C ALA A 506 18.53 16.97 -7.96
N VAL A 507 18.70 15.69 -7.63
CA VAL A 507 17.59 14.74 -7.72
C VAL A 507 16.47 15.11 -6.77
N ALA A 508 16.81 15.55 -5.55
CA ALA A 508 15.77 15.92 -4.59
C ALA A 508 14.98 17.12 -5.08
N ARG A 509 15.68 18.18 -5.50
CA ARG A 509 14.99 19.35 -6.05
C ARG A 509 14.11 18.94 -7.20
N LEU A 510 14.64 18.14 -8.12
CA LEU A 510 13.86 17.76 -9.28
C LEU A 510 12.62 16.99 -8.88
N ALA A 511 12.80 15.93 -8.09
CA ALA A 511 11.68 15.07 -7.68
C ALA A 511 10.64 15.86 -6.89
N LYS A 512 11.07 16.68 -5.94
CA LYS A 512 10.13 17.51 -5.22
C LYS A 512 9.24 18.30 -6.18
N GLU A 513 9.86 18.95 -7.17
CA GLU A 513 9.08 19.79 -8.09
C GLU A 513 8.15 18.95 -8.95
N VAL A 514 8.64 17.81 -9.45
CA VAL A 514 7.78 16.98 -10.26
C VAL A 514 6.53 16.59 -9.47
N MET A 515 6.74 16.11 -8.25
CA MET A 515 5.62 15.66 -7.44
C MET A 515 4.67 16.79 -7.11
N GLU A 516 5.19 18.02 -6.92
CA GLU A 516 4.31 19.11 -6.51
C GLU A 516 3.50 19.63 -7.67
N GLY A 517 4.05 19.56 -8.88
CA GLY A 517 3.45 19.96 -10.12
C GLY A 517 2.75 18.87 -10.89
N VAL A 518 2.58 17.68 -10.29
CA VAL A 518 2.02 16.54 -11.02
C VAL A 518 0.72 16.93 -11.73
N TYR A 519 -0.17 17.63 -11.03
CA TYR A 519 -1.49 17.94 -11.54
C TYR A 519 -2.06 19.02 -10.64
N PRO A 520 -1.86 20.30 -10.97
CA PRO A 520 -2.19 21.36 -10.01
C PRO A 520 -3.64 21.31 -9.58
N LEU A 521 -3.88 21.65 -8.32
CA LEU A 521 -5.20 21.63 -7.73
C LEU A 521 -5.61 23.03 -7.32
N ALA A 522 -6.89 23.21 -6.97
CA ALA A 522 -7.30 24.50 -6.43
C ALA A 522 -6.51 24.86 -5.20
N VAL A 523 -5.70 23.94 -4.70
CA VAL A 523 -4.85 24.12 -3.53
C VAL A 523 -3.47 23.58 -3.90
N PRO A 524 -2.38 24.12 -3.38
CA PRO A 524 -1.05 23.60 -3.73
C PRO A 524 -0.76 22.27 -3.04
N LEU A 525 -0.14 21.36 -3.79
CA LEU A 525 0.45 20.15 -3.21
C LEU A 525 1.85 20.48 -2.75
N GLU A 526 2.13 20.32 -1.46
CA GLU A 526 3.47 20.52 -0.95
C GLU A 526 4.12 19.18 -0.65
N VAL A 527 5.43 19.13 -0.84
CA VAL A 527 6.21 17.93 -0.59
C VAL A 527 7.34 18.25 0.39
N GLU A 528 7.56 17.35 1.35
CA GLU A 528 8.74 17.37 2.20
C GLU A 528 9.77 16.42 1.62
N VAL A 529 11.03 16.84 1.59
CA VAL A 529 12.08 16.01 1.02
C VAL A 529 13.24 15.98 2.00
N GLY A 530 13.90 14.81 2.11
CA GLY A 530 15.12 14.71 2.86
C GLY A 530 16.08 13.72 2.22
N ILE A 531 17.34 13.82 2.64
CA ILE A 531 18.44 13.07 2.04
C ILE A 531 19.27 12.46 3.16
N GLY A 532 19.58 11.18 3.05
CA GLY A 532 20.41 10.60 4.10
C GLY A 532 20.93 9.23 3.69
N GLU A 533 21.88 8.76 4.51
CA GLU A 533 22.44 7.41 4.36
C GLU A 533 21.45 6.29 4.67
N ASP A 534 20.32 6.58 5.31
CA ASP A 534 19.35 5.54 5.66
C ASP A 534 17.95 6.14 5.68
N TRP A 535 16.96 5.24 5.61
CA TRP A 535 15.58 5.70 5.46
C TRP A 535 15.15 6.62 6.60
N LEU A 536 15.67 6.39 7.81
CA LEU A 536 15.29 7.25 8.92
C LEU A 536 15.93 8.63 8.78
N SER A 537 17.23 8.67 8.44
CA SER A 537 17.91 9.94 8.23
C SER A 537 17.18 10.79 7.20
N ALA A 538 16.74 10.17 6.10
CA ALA A 538 16.19 10.90 4.98
C ALA A 538 14.87 11.59 5.29
N LYS A 539 14.25 11.33 6.43
CA LYS A 539 12.99 11.96 6.81
C LYS A 539 13.14 12.91 7.99
N GLU A 540 14.33 13.45 8.20
CA GLU A 540 14.52 14.47 9.21
C GLU A 540 14.98 15.75 8.54
P DDG B 12 3.64 5.72 8.27
OP1 DDG B 12 5.00 6.18 8.02
OP2 DDG B 12 2.99 6.30 9.54
O5' DDG B 12 2.64 5.95 7.05
C5' DDG B 12 3.05 5.44 5.77
C4' DDG B 12 1.95 5.74 4.80
O4' DDG B 12 0.97 4.68 4.86
C3' DDG B 12 1.18 6.99 5.19
C2' DDG B 12 -0.19 6.71 4.57
C1' DDG B 12 -0.34 5.21 4.79
N9 DDG B 12 -1.05 4.88 6.06
C8 DDG B 12 -0.55 4.83 7.34
N7 DDG B 12 -1.45 4.55 8.25
C5 DDG B 12 -2.62 4.40 7.52
C6 DDG B 12 -3.93 4.08 7.94
O6 DDG B 12 -4.28 3.81 9.09
N1 DDG B 12 -4.82 4.00 6.88
C2 DDG B 12 -4.49 4.19 5.56
N2 DDG B 12 -5.47 4.05 4.66
N3 DDG B 12 -3.26 4.48 5.15
C4 DDG B 12 -2.39 4.59 6.17
P 6OG C 4 -15.71 3.43 14.73
OP1 6OG C 4 -15.98 4.18 15.97
OP2 6OG C 4 -15.40 1.95 14.92
O5' 6OG C 4 -14.47 4.12 13.93
N9 6OG C 4 -11.40 5.87 11.26
C4 6OG C 4 -10.21 6.11 10.61
N3 6OG C 4 -10.05 6.51 9.35
C2 6OG C 4 -8.74 6.63 8.98
N2 6OG C 4 -8.50 6.98 7.72
N1 6OG C 4 -7.67 6.39 9.77
C6 6OG C 4 -7.93 5.99 11.01
O6 6OG C 4 -6.91 5.71 11.85
C5 6OG C 4 -9.22 5.82 11.53
N7 6OG C 4 -9.77 5.40 12.74
C8 6OG C 4 -11.06 5.45 12.51
C2' 6OG C 4 -13.10 5.10 9.57
C5' 6OG C 4 -13.90 3.49 12.76
C4' 6OG C 4 -14.19 4.35 11.56
O4' 6OG C 4 -13.67 5.68 11.76
C1' 6OG C 4 -12.75 6.01 10.72
C3' 6OG C 4 -13.56 3.82 10.27
O3' 6OG C 4 -14.59 3.19 9.52
C 6OG C 4 -5.60 5.83 11.34
HOP2 6OG C 4 -15.89 1.14 14.55
HN21 6OG C 4 -9.27 7.15 7.07
HN22 6OG C 4 -7.55 7.08 7.38
H8 6OG C 4 -11.79 5.17 13.27
H2' 6OG C 4 -13.84 5.55 8.92
H2'' 6OG C 4 -12.26 4.92 8.88
H5' 6OG C 4 -12.83 3.32 12.93
H5'' 6OG C 4 -14.36 2.52 12.64
H4' 6OG C 4 -15.27 4.46 11.46
H1' 6OG C 4 -12.91 7.07 10.51
H3' 6OG C 4 -12.77 3.09 10.46
HO3' 6OG C 4 -15.29 3.87 9.38
H1 6OG C 4 -5.45 5.32 10.38
H2 6OG C 4 -5.24 6.86 11.26
H3 6OG C 4 -4.99 5.31 12.09
MN MN D . 2.37 12.89 3.97
MN MN E . 4.03 9.89 5.06
N NZI F . -3.81 8.24 6.80
C NZI F . -3.13 9.90 3.55
O NZI F . -3.48 9.12 2.40
C1 NZI F . -4.10 9.64 4.72
C10 NZI F . -1.73 8.20 10.38
C11 NZI F . -3.04 7.72 10.25
C2 NZI F . -3.48 8.43 5.39
C3 NZI F . -1.78 9.42 4.11
C4 NZI F . -0.85 10.53 4.51
C5 NZI F . -5.02 7.65 7.22
C6 NZI F . -3.65 7.80 9.01
C7 NZI F . -2.96 8.33 7.92
C8 NZI F . -1.67 8.80 8.05
C9 NZI F . -1.06 8.73 9.29
N1 NZI F . -4.91 7.41 8.56
O1 NZI F . -2.08 8.60 5.27
O10 NZI F . 2.96 13.49 8.03
O11 NZI F . 3.19 13.94 5.61
O12 NZI F . -5.98 7.41 6.50
O2 NZI F . 0.30 9.97 5.16
O3 NZI F . 1.26 9.78 7.49
O4 NZI F . 2.53 11.06 5.75
O5 NZI F . 0.37 12.00 6.73
O6 NZI F . -1.42 13.77 6.57
O7 NZI F . 0.04 13.30 4.56
O8 NZI F . 1.00 14.40 6.70
O9 NZI F . 3.01 15.88 7.20
P NZI F . 1.20 10.71 6.28
P1 NZI F . -0.03 13.38 6.05
P2 NZI F . 2.59 14.47 6.90
H NZI F . -3.11 10.94 3.28
H3 NZI F . -3.25 9.69 1.62
H4 NZI F . -5.11 9.45 4.38
H5 NZI F . -4.18 10.50 5.38
H15 NZI F . -1.24 8.15 11.35
H16 NZI F . -3.57 7.31 11.11
H1 NZI F . -3.73 7.51 4.87
H2 NZI F . -1.29 8.77 3.39
H7 NZI F . -1.34 11.19 5.22
H6 NZI F . -0.54 11.12 3.65
H13 NZI F . -1.11 9.22 7.20
H14 NZI F . -0.04 9.09 9.41
H12 NZI F . -5.63 7.01 9.14
H17 NZI F . 2.99 13.01 5.28
H8 NZI F . 1.26 10.07 8.43
H9 NZI F . -1.93 14.58 6.30
H11 NZI F . 3.86 13.38 8.42
C ACT G . 12.80 0.28 -19.06
O ACT G . 13.34 -0.80 -19.43
OXT ACT G . 11.57 0.52 -18.82
CH3 ACT G . 13.81 1.48 -18.83
H1 ACT G . 14.27 1.67 -19.65
H2 ACT G . 14.49 1.21 -18.18
H3 ACT G . 13.36 2.28 -18.51
C ACT H . 13.63 -16.79 -0.12
O ACT H . 14.53 -15.96 0.20
OXT ACT H . 13.77 -17.98 -0.53
CH3 ACT H . 12.14 -16.30 0.00
H1 ACT H . 12.13 -15.39 0.34
H2 ACT H . 11.67 -16.84 0.65
H3 ACT H . 11.68 -16.34 -0.85
MG MG I . 17.12 -2.80 23.49
MG MG J . -8.28 -10.74 8.47
C ACT K . 0.08 -25.81 13.12
O ACT K . 0.48 -24.66 12.78
OXT ACT K . -1.08 -26.16 13.52
CH3 ACT K . 1.16 -26.94 13.02
H1 ACT K . 0.77 -27.79 13.30
H2 ACT K . 1.89 -26.75 13.62
H3 ACT K . 1.50 -27.04 12.12
#